data_7OTR
#
_entry.id   7OTR
#
_cell.length_a   69.790
_cell.length_b   69.790
_cell.length_c   291.210
_cell.angle_alpha   90.000
_cell.angle_beta   90.000
_cell.angle_gamma   90.000
#
_symmetry.space_group_name_H-M   'P 43 21 2'
#
loop_
_entity.id
_entity.type
_entity.pdbx_description
1 polymer 'CCA-adding protein'
2 non-polymer 'PHOSPHATE ION'
3 non-polymer GLYCEROL
4 non-polymer 'ACETATE ION'
5 non-polymer 2-AMINO-2-HYDROXYMETHYL-PROPANE-1,3-DIOL
6 water water
#
_entity_poly.entity_id   1
_entity_poly.type   'polypeptide(L)'
_entity_poly.pdbx_seq_one_letter_code
;MHHHHHHSSGLVPRGSGMKETAAAKFERQHMDSPDLGTDDDDKMNTAIKVIHTLKAAGFEAYIVGGAVRDLLLGKTPHDV
DVASSALPQQVKVLFDRTVDTGIDHGTVLVLLDGEGIEVTTFRTESSYSDNRRPDSVEFVLSLEEDLRRRDFTINAMAMT
EDLKIIDPFGGKEDLKNKVIRAVGDPDERFEEDALRMLRAIRFSGQLDFIIDMKTLLSIRRHARLIRFIAVERLKSEIDK
IFVNPSMQKSMAYLKDSVLTRFLPVGGLFEVDWITYHTDGNPTYGWLYLLHQQKRQFTDIKDYRFSNEEKRLIEKSLELT
ALNTWDQWTFYKYTLKQLEMASRVTGKKKDLAAIKRQLPIQSRSELAVDGWDLIEWSGAKSGPWLKVWIEKIERLIVYGI
LKNDKELIKDWFEDEYHSHTH
;
_entity_poly.pdbx_strand_id   A
#
loop_
_chem_comp.id
_chem_comp.type
_chem_comp.name
_chem_comp.formula
ACT non-polymer 'ACETATE ION' 'C2 H3 O2 -1'
GOL non-polymer GLYCEROL 'C3 H8 O3'
PO4 non-polymer 'PHOSPHATE ION' 'O4 P -3'
TRS non-polymer 2-AMINO-2-HYDROXYMETHYL-PROPANE-1,3-DIOL 'C4 H12 N O3 1'
#
# COMPACT_ATOMS: atom_id res chain seq x y z
N ASP A 40 7.66 12.05 -13.97
CA ASP A 40 8.62 11.29 -14.79
C ASP A 40 9.52 12.25 -15.54
N ASP A 41 9.48 12.19 -16.87
CA ASP A 41 10.33 13.04 -17.74
C ASP A 41 9.92 14.50 -17.66
N ASP A 42 8.89 14.81 -16.87
CA ASP A 42 8.40 16.20 -16.83
C ASP A 42 8.36 16.75 -15.41
N LYS A 43 8.46 15.90 -14.38
CA LYS A 43 8.25 16.43 -13.03
C LYS A 43 9.38 17.37 -12.63
N MET A 44 10.64 16.94 -12.83
CA MET A 44 11.77 17.78 -12.45
C MET A 44 11.77 19.10 -13.22
N ASN A 45 11.52 19.05 -14.54
CA ASN A 45 11.42 20.28 -15.32
C ASN A 45 10.37 21.21 -14.75
N THR A 46 9.19 20.67 -14.42
CA THR A 46 8.11 21.51 -13.91
C THR A 46 8.50 22.13 -12.57
N ALA A 47 9.13 21.34 -11.69
CA ALA A 47 9.58 21.88 -10.41
C ALA A 47 10.62 22.99 -10.63
N ILE A 48 11.49 22.85 -11.63
CA ILE A 48 12.45 23.92 -11.96
C ILE A 48 11.71 25.19 -12.37
N LYS A 49 10.65 25.05 -13.17
CA LYS A 49 9.80 26.19 -13.52
C LYS A 49 9.14 26.80 -12.27
N VAL A 50 8.59 25.94 -11.40
CA VAL A 50 7.98 26.44 -10.17
C VAL A 50 9.00 27.26 -9.37
N ILE A 51 10.20 26.70 -9.20
CA ILE A 51 11.25 27.39 -8.44
C ILE A 51 11.57 28.73 -9.07
N HIS A 52 11.78 28.73 -10.40
CA HIS A 52 12.07 29.97 -11.12
C HIS A 52 10.97 31.00 -10.88
N THR A 53 9.70 30.57 -10.93
CA THR A 53 8.61 31.51 -10.70
C THR A 53 8.61 32.03 -9.27
N LEU A 54 8.87 31.16 -8.30
CA LEU A 54 8.92 31.60 -6.91
C LEU A 54 10.06 32.59 -6.68
N LYS A 55 11.20 32.38 -7.33
CA LYS A 55 12.34 33.26 -7.11
C LYS A 55 12.14 34.61 -7.79
N ALA A 56 11.52 34.63 -8.98
CA ALA A 56 11.20 35.90 -9.64
C ALA A 56 10.29 36.79 -8.78
N ALA A 57 9.47 36.19 -7.91
CA ALA A 57 8.70 36.95 -6.93
C ALA A 57 9.50 37.21 -5.65
N GLY A 58 10.80 36.90 -5.63
CA GLY A 58 11.67 37.20 -4.51
C GLY A 58 11.74 36.19 -3.40
N PHE A 59 11.14 35.01 -3.56
CA PHE A 59 11.21 34.00 -2.52
C PHE A 59 12.37 33.04 -2.77
N GLU A 60 12.81 32.41 -1.70
CA GLU A 60 13.73 31.27 -1.81
C GLU A 60 12.94 30.03 -2.18
N ALA A 61 13.56 29.16 -2.98
CA ALA A 61 12.91 27.93 -3.37
C ALA A 61 13.95 26.91 -3.81
N TYR A 62 13.73 25.64 -3.46
CA TYR A 62 14.66 24.55 -3.71
C TYR A 62 13.89 23.27 -3.94
N ILE A 63 14.48 22.35 -4.73
CA ILE A 63 14.05 20.96 -4.67
C ILE A 63 14.52 20.37 -3.36
N VAL A 64 13.68 19.55 -2.73
CA VAL A 64 14.01 19.04 -1.40
C VAL A 64 13.55 17.60 -1.27
N GLY A 65 14.23 16.85 -0.38
CA GLY A 65 13.79 15.53 -0.01
C GLY A 65 14.05 14.43 -1.02
N GLY A 66 13.05 13.56 -1.22
CA GLY A 66 13.26 12.34 -1.98
C GLY A 66 13.72 12.57 -3.40
N ALA A 67 13.26 13.64 -4.05
CA ALA A 67 13.69 13.91 -5.41
C ALA A 67 15.20 14.12 -5.50
N VAL A 68 15.79 14.80 -4.51
CA VAL A 68 17.24 14.99 -4.52
C VAL A 68 17.95 13.66 -4.34
N ARG A 69 17.50 12.87 -3.37
CA ARG A 69 18.02 11.53 -3.15
C ARG A 69 17.98 10.71 -4.45
N ASP A 70 16.83 10.70 -5.11
CA ASP A 70 16.69 9.90 -6.33
C ASP A 70 17.59 10.44 -7.45
N LEU A 71 17.65 11.76 -7.62
CA LEU A 71 18.53 12.34 -8.63
C LEU A 71 19.97 11.89 -8.43
N LEU A 72 20.46 11.97 -7.20
CA LEU A 72 21.84 11.56 -6.93
C LEU A 72 22.04 10.05 -7.08
N LEU A 73 20.98 9.26 -7.01
CA LEU A 73 21.09 7.83 -7.26
C LEU A 73 20.91 7.47 -8.73
N GLY A 74 20.64 8.44 -9.59
CA GLY A 74 20.39 8.15 -10.99
C GLY A 74 19.02 7.57 -11.29
N LYS A 75 18.06 7.72 -10.39
CA LYS A 75 16.68 7.32 -10.64
C LYS A 75 15.83 8.52 -10.98
N THR A 76 14.66 8.24 -11.56
CA THR A 76 13.72 9.29 -11.91
C THR A 76 12.73 9.48 -10.75
N PRO A 77 12.62 10.69 -10.20
CA PRO A 77 11.77 10.88 -9.03
C PRO A 77 10.30 10.57 -9.29
N HIS A 78 9.68 9.86 -8.35
CA HIS A 78 8.25 9.63 -8.35
C HIS A 78 7.50 10.86 -7.86
N ASP A 79 8.06 11.57 -6.89
CA ASP A 79 7.50 12.83 -6.41
C ASP A 79 8.62 13.85 -6.35
N VAL A 80 8.31 15.09 -6.73
CA VAL A 80 9.26 16.20 -6.60
C VAL A 80 8.62 17.24 -5.71
N ASP A 81 9.26 17.48 -4.56
CA ASP A 81 8.78 18.48 -3.61
C ASP A 81 9.65 19.72 -3.69
N VAL A 82 9.03 20.88 -3.51
CA VAL A 82 9.74 22.16 -3.48
C VAL A 82 9.56 22.75 -2.09
N ALA A 83 10.66 23.21 -1.49
CA ALA A 83 10.66 23.94 -0.23
C ALA A 83 10.85 25.41 -0.55
N SER A 84 10.08 26.28 0.12
CA SER A 84 10.13 27.68 -0.23
C SER A 84 9.96 28.54 1.02
N SER A 85 10.52 29.76 0.97
CA SER A 85 10.16 30.77 1.98
C SER A 85 8.77 31.35 1.78
N ALA A 86 8.15 31.13 0.62
CA ALA A 86 6.79 31.61 0.40
C ALA A 86 5.82 30.89 1.32
N LEU A 87 4.87 31.63 1.81
CA LEU A 87 3.79 31.06 2.58
C LEU A 87 2.69 30.57 1.64
N PRO A 88 1.82 29.67 2.10
CA PRO A 88 0.86 29.05 1.16
C PRO A 88 0.05 30.03 0.31
N GLN A 89 -0.57 31.06 0.92
CA GLN A 89 -1.37 32.00 0.11
C GLN A 89 -0.51 32.76 -0.89
N GLN A 90 0.75 33.04 -0.55
CA GLN A 90 1.66 33.66 -1.53
C GLN A 90 1.95 32.72 -2.69
N VAL A 91 1.96 31.39 -2.47
CA VAL A 91 2.14 30.48 -3.60
C VAL A 91 0.91 30.51 -4.51
N LYS A 92 -0.30 30.53 -3.91
CA LYS A 92 -1.52 30.56 -4.70
C LYS A 92 -1.63 31.81 -5.57
N VAL A 93 -1.02 32.92 -5.15
CA VAL A 93 -1.00 34.14 -5.97
C VAL A 93 -0.18 33.93 -7.23
N LEU A 94 0.84 33.09 -7.18
CA LEU A 94 1.79 33.00 -8.26
C LEU A 94 1.42 31.96 -9.32
N PHE A 95 0.47 31.06 -9.05
CA PHE A 95 0.15 29.99 -9.98
C PHE A 95 -1.36 29.91 -10.22
N ASP A 96 -1.73 29.66 -11.49
CA ASP A 96 -3.13 29.67 -11.90
C ASP A 96 -3.94 28.59 -11.19
N ARG A 97 -3.40 27.37 -11.13
CA ARG A 97 -4.11 26.22 -10.59
C ARG A 97 -3.36 25.63 -9.42
N THR A 98 -3.96 25.66 -8.24
CA THR A 98 -3.41 25.05 -7.04
C THR A 98 -4.47 24.23 -6.31
N VAL A 99 -4.01 23.24 -5.56
CA VAL A 99 -4.92 22.40 -4.73
C VAL A 99 -4.55 22.72 -3.29
N ASP A 100 -5.53 23.10 -2.47
CA ASP A 100 -5.23 23.61 -1.11
C ASP A 100 -5.48 22.63 0.03
N THR A 101 -5.41 21.33 -0.22
CA THR A 101 -5.59 20.38 0.87
C THR A 101 -4.67 20.60 2.08
N GLY A 102 -3.35 20.55 1.87
CA GLY A 102 -2.39 20.67 2.97
C GLY A 102 -2.01 22.04 3.46
N ILE A 103 -2.83 23.07 3.18
CA ILE A 103 -2.49 24.46 3.48
C ILE A 103 -2.08 24.61 4.95
N ASP A 104 -2.86 24.05 5.87
CA ASP A 104 -2.59 24.17 7.31
C ASP A 104 -1.23 23.62 7.68
N HIS A 105 -0.77 22.61 6.95
CA HIS A 105 0.54 22.00 7.16
C HIS A 105 1.64 22.72 6.39
N GLY A 106 1.30 23.78 5.63
CA GLY A 106 2.27 24.53 4.87
C GLY A 106 2.37 24.17 3.40
N THR A 107 1.58 23.22 2.91
CA THR A 107 1.75 22.66 1.57
C THR A 107 0.65 23.11 0.61
N VAL A 108 1.07 23.49 -0.58
CA VAL A 108 0.17 23.77 -1.69
C VAL A 108 0.64 22.92 -2.87
N LEU A 109 -0.29 22.20 -3.49
CA LEU A 109 0.02 21.48 -4.73
C LEU A 109 -0.17 22.42 -5.92
N VAL A 110 0.89 22.63 -6.69
CA VAL A 110 0.83 23.46 -7.89
C VAL A 110 0.61 22.55 -9.09
N LEU A 111 -0.35 22.91 -9.94
CA LEU A 111 -0.67 22.18 -11.15
C LEU A 111 -0.13 22.96 -12.33
N LEU A 112 0.78 22.35 -13.08
CA LEU A 112 1.52 23.08 -14.09
C LEU A 112 2.06 22.08 -15.10
N ASP A 113 1.93 22.42 -16.39
CA ASP A 113 2.42 21.59 -17.51
C ASP A 113 2.00 20.13 -17.37
N GLY A 114 0.80 19.90 -16.83
CA GLY A 114 0.30 18.55 -16.65
C GLY A 114 0.90 17.78 -15.49
N GLU A 115 1.67 18.42 -14.61
CA GLU A 115 2.23 17.76 -13.44
C GLU A 115 1.66 18.38 -12.16
N GLY A 116 1.95 17.73 -11.04
CA GLY A 116 1.62 18.29 -9.75
C GLY A 116 2.86 18.37 -8.88
N ILE A 117 3.20 19.59 -8.44
CA ILE A 117 4.39 19.85 -7.63
C ILE A 117 3.94 20.36 -6.27
N GLU A 118 4.29 19.66 -5.21
CA GLU A 118 3.99 20.14 -3.87
C GLU A 118 4.99 21.22 -3.46
N VAL A 119 4.46 22.39 -3.07
CA VAL A 119 5.27 23.50 -2.56
C VAL A 119 4.97 23.66 -1.08
N THR A 120 6.00 23.51 -0.26
CA THR A 120 5.86 23.55 1.20
C THR A 120 6.73 24.66 1.74
N THR A 121 6.15 25.48 2.61
CA THR A 121 6.91 26.52 3.28
C THR A 121 7.87 25.83 4.24
N PHE A 122 9.03 26.47 4.47
CA PHE A 122 9.94 26.00 5.52
C PHE A 122 9.17 25.80 6.83
N ARG A 123 9.30 24.60 7.41
CA ARG A 123 8.47 24.24 8.54
C ARG A 123 9.09 23.08 9.30
N THR A 124 8.66 22.91 10.55
CA THR A 124 8.90 21.72 11.34
C THR A 124 7.56 21.22 11.85
N GLU A 125 7.41 19.91 11.97
CA GLU A 125 6.18 19.36 12.52
C GLU A 125 6.52 18.35 13.61
N SER A 126 5.62 18.25 14.58
CA SER A 126 5.78 17.32 15.68
C SER A 126 4.46 16.59 15.90
N SER A 127 4.54 15.32 16.26
CA SER A 127 3.36 14.49 16.47
C SER A 127 3.13 14.31 17.96
N TYR A 128 1.88 14.51 18.39
CA TYR A 128 1.43 14.22 19.74
C TYR A 128 1.21 12.71 19.90
N SER A 129 1.26 12.24 21.14
CA SER A 129 0.87 10.86 21.41
C SER A 129 -0.62 10.63 21.11
N ASP A 130 -1.41 11.71 21.01
CA ASP A 130 -2.80 11.66 20.56
C ASP A 130 -2.94 12.02 19.06
N SER A 136 1.08 19.22 15.26
CA SER A 136 1.59 20.58 15.49
C SER A 136 2.65 21.00 14.45
N VAL A 137 2.34 22.06 13.69
CA VAL A 137 3.21 22.53 12.61
C VAL A 137 3.70 23.94 12.97
N GLU A 138 5.02 24.13 12.81
CA GLU A 138 5.62 25.46 13.07
C GLU A 138 6.38 25.94 11.84
N PHE A 139 5.87 26.99 11.18
CA PHE A 139 6.59 27.59 10.08
C PHE A 139 7.88 28.21 10.60
N VAL A 140 8.96 28.05 9.84
CA VAL A 140 10.26 28.61 10.22
C VAL A 140 10.77 29.44 9.05
N LEU A 141 11.82 30.22 9.31
CA LEU A 141 12.23 31.26 8.38
C LEU A 141 13.40 30.86 7.50
N SER A 142 14.10 29.78 7.81
CA SER A 142 15.26 29.35 7.03
C SER A 142 15.10 27.92 6.54
N LEU A 143 15.78 27.61 5.43
CA LEU A 143 15.81 26.24 4.92
C LEU A 143 16.41 25.29 5.93
N GLU A 144 17.51 25.70 6.59
CA GLU A 144 18.24 24.77 7.44
C GLU A 144 17.45 24.40 8.68
N GLU A 145 16.66 25.34 9.23
CA GLU A 145 15.74 25.02 10.32
C GLU A 145 14.76 23.92 9.90
N ASP A 146 14.32 23.95 8.63
CA ASP A 146 13.46 22.90 8.11
C ASP A 146 14.22 21.57 8.01
N LEU A 147 15.40 21.60 7.38
CA LEU A 147 16.12 20.37 7.06
C LEU A 147 16.59 19.64 8.31
N ARG A 148 16.92 20.37 9.37
CA ARG A 148 17.51 19.70 10.52
C ARG A 148 16.49 18.90 11.31
N ARG A 149 15.21 18.93 10.98
CA ARG A 149 14.25 18.08 11.67
C ARG A 149 13.59 17.09 10.71
N ARG A 150 14.19 16.84 9.54
CA ARG A 150 13.70 15.77 8.69
C ARG A 150 14.20 14.43 9.21
N ASP A 151 13.67 13.34 8.65
CA ASP A 151 13.90 12.03 9.26
C ASP A 151 15.35 11.53 9.04
N PHE A 152 15.80 11.40 7.79
CA PHE A 152 17.09 10.78 7.49
C PHE A 152 17.94 11.67 6.61
N THR A 153 19.26 11.54 6.76
CA THR A 153 20.19 12.46 6.10
C THR A 153 20.06 12.43 4.59
N ILE A 154 19.76 11.27 3.99
CA ILE A 154 19.57 11.23 2.54
C ILE A 154 18.29 11.90 2.09
N ASN A 155 17.38 12.20 3.01
CA ASN A 155 16.15 12.95 2.74
C ASN A 155 16.23 14.40 3.17
N ALA A 156 17.39 14.85 3.63
CA ALA A 156 17.55 16.18 4.19
C ALA A 156 18.47 17.03 3.33
N MET A 157 18.42 16.83 2.02
CA MET A 157 19.23 17.58 1.08
C MET A 157 18.32 18.49 0.28
N ALA A 158 18.85 19.65 -0.10
CA ALA A 158 18.16 20.49 -1.05
C ALA A 158 19.03 20.68 -2.29
N MET A 159 18.42 21.07 -3.38
CA MET A 159 19.14 21.37 -4.60
C MET A 159 18.63 22.67 -5.18
N THR A 160 19.56 23.55 -5.57
CA THR A 160 19.15 24.83 -6.11
C THR A 160 18.78 24.67 -7.58
N GLU A 161 18.15 25.73 -8.11
CA GLU A 161 17.88 25.84 -9.54
C GLU A 161 19.11 25.58 -10.40
N ASP A 162 20.30 25.91 -9.89
CA ASP A 162 21.54 25.74 -10.64
C ASP A 162 22.25 24.45 -10.31
N LEU A 163 21.53 23.46 -9.75
CA LEU A 163 21.99 22.10 -9.43
C LEU A 163 22.98 22.05 -8.28
N LYS A 164 23.15 23.13 -7.54
CA LYS A 164 24.01 23.07 -6.35
C LYS A 164 23.26 22.34 -5.23
N ILE A 165 23.95 21.44 -4.54
CA ILE A 165 23.33 20.64 -3.49
C ILE A 165 23.69 21.19 -2.13
N ILE A 166 22.67 21.43 -1.31
CA ILE A 166 22.81 21.89 0.06
C ILE A 166 22.67 20.65 0.95
N ASP A 167 23.76 20.25 1.60
CA ASP A 167 23.83 18.97 2.31
C ASP A 167 24.49 19.24 3.67
N PRO A 168 23.76 19.82 4.61
CA PRO A 168 24.35 20.12 5.91
C PRO A 168 24.65 18.89 6.77
N PHE A 169 23.98 17.76 6.54
CA PHE A 169 24.03 16.63 7.46
C PHE A 169 24.69 15.38 6.88
N GLY A 170 25.40 15.52 5.76
CA GLY A 170 26.15 14.41 5.21
C GLY A 170 25.33 13.42 4.41
N GLY A 171 24.18 13.85 3.88
CA GLY A 171 23.38 12.95 3.06
C GLY A 171 24.12 12.39 1.87
N LYS A 172 25.01 13.19 1.27
CA LYS A 172 25.73 12.73 0.08
C LYS A 172 26.63 11.54 0.43
N GLU A 173 27.33 11.63 1.55
CA GLU A 173 28.22 10.53 1.98
C GLU A 173 27.38 9.33 2.41
N ASP A 174 26.27 9.55 3.13
CA ASP A 174 25.41 8.43 3.51
C ASP A 174 24.78 7.77 2.29
N LEU A 175 24.45 8.58 1.27
CA LEU A 175 23.90 8.02 0.03
C LEU A 175 24.94 7.17 -0.69
N LYS A 176 26.17 7.68 -0.79
CA LYS A 176 27.25 6.90 -1.41
C LYS A 176 27.51 5.61 -0.64
N ASN A 177 27.55 5.67 0.70
CA ASN A 177 27.79 4.49 1.52
C ASN A 177 26.53 3.65 1.76
N LYS A 178 25.38 4.03 1.21
CA LYS A 178 24.13 3.24 1.34
C LYS A 178 23.73 3.09 2.80
N VAL A 179 23.62 4.22 3.50
CA VAL A 179 23.30 4.21 4.92
C VAL A 179 22.07 5.09 5.17
N ILE A 180 21.06 4.51 5.82
CA ILE A 180 19.94 5.29 6.37
C ILE A 180 20.33 5.73 7.79
N ARG A 181 20.54 7.02 7.96
CA ARG A 181 20.95 7.58 9.25
C ARG A 181 20.02 8.73 9.60
N ALA A 182 19.55 8.76 10.85
CA ALA A 182 18.73 9.86 11.31
C ALA A 182 19.53 11.17 11.26
N VAL A 183 18.82 12.26 10.96
CA VAL A 183 19.39 13.60 11.06
C VAL A 183 19.57 13.97 12.52
N GLY A 184 20.80 14.32 12.90
CA GLY A 184 21.04 14.77 14.27
C GLY A 184 20.85 13.65 15.27
N ASP A 185 20.22 13.97 16.39
CA ASP A 185 20.02 12.97 17.44
C ASP A 185 18.87 12.04 17.04
N PRO A 186 19.15 10.75 16.78
CA PRO A 186 18.06 9.83 16.41
C PRO A 186 16.96 9.76 17.45
N ASP A 187 17.31 9.76 18.74
CA ASP A 187 16.28 9.79 19.79
C ASP A 187 15.28 10.92 19.56
N GLU A 188 15.77 12.11 19.20
CA GLU A 188 14.87 13.24 18.98
C GLU A 188 14.00 13.03 17.75
N ARG A 189 14.60 12.57 16.64
CA ARG A 189 13.82 12.39 15.42
C ARG A 189 12.70 11.38 15.64
N PHE A 190 12.98 10.31 16.40
CA PHE A 190 11.98 9.28 16.63
C PHE A 190 10.94 9.70 17.67
N GLU A 191 11.32 10.55 18.63
CA GLU A 191 10.33 11.06 19.55
C GLU A 191 9.40 12.05 18.86
N GLU A 192 9.88 12.70 17.80
CA GLU A 192 9.05 13.66 17.03
C GLU A 192 7.98 12.89 16.24
N ASP A 193 8.34 11.82 15.55
CA ASP A 193 7.37 10.98 14.81
C ASP A 193 7.82 9.52 14.84
N ALA A 194 7.18 8.71 15.66
CA ALA A 194 7.61 7.32 15.87
C ALA A 194 7.42 6.52 14.58
N LEU A 195 6.59 7.02 13.67
CA LEU A 195 6.46 6.29 12.40
C LEU A 195 7.77 6.29 11.61
N ARG A 196 8.66 7.26 11.84
CA ARG A 196 9.97 7.26 11.19
C ARG A 196 10.75 6.00 11.49
N MET A 197 10.55 5.41 12.67
CA MET A 197 11.22 4.16 13.01
C MET A 197 10.88 3.08 11.98
N LEU A 198 9.60 2.95 11.62
CA LEU A 198 9.18 1.96 10.63
C LEU A 198 9.55 2.38 9.22
N ARG A 199 9.60 3.70 8.98
CA ARG A 199 10.00 4.20 7.67
C ARG A 199 11.47 3.87 7.38
N ALA A 200 12.32 3.92 8.41
CA ALA A 200 13.70 3.47 8.24
C ALA A 200 13.73 2.05 7.69
N ILE A 201 12.91 1.16 8.26
CA ILE A 201 12.85 -0.22 7.78
C ILE A 201 12.42 -0.24 6.32
N ARG A 202 11.35 0.50 5.99
CA ARG A 202 10.86 0.52 4.62
C ARG A 202 11.93 1.02 3.65
N PHE A 203 12.65 2.09 4.03
CA PHE A 203 13.69 2.63 3.14
C PHE A 203 14.81 1.63 2.92
N SER A 204 15.16 0.82 3.93
CA SER A 204 16.27 -0.12 3.78
C SER A 204 16.04 -1.08 2.62
N GLY A 205 14.81 -1.56 2.45
CA GLY A 205 14.48 -2.45 1.34
C GLY A 205 14.23 -1.71 0.04
N GLN A 206 13.60 -0.54 0.13
CA GLN A 206 13.36 0.28 -1.07
C GLN A 206 14.68 0.63 -1.76
N LEU A 207 15.68 1.01 -0.99
CA LEU A 207 16.94 1.49 -1.54
C LEU A 207 18.06 0.46 -1.49
N ASP A 208 17.86 -0.69 -0.84
CA ASP A 208 18.93 -1.65 -0.56
C ASP A 208 20.08 -1.00 0.23
N PHE A 209 19.72 -0.27 1.28
CA PHE A 209 20.66 0.36 2.20
C PHE A 209 20.67 -0.39 3.53
N ILE A 210 21.72 -0.19 4.31
CA ILE A 210 21.68 -0.63 5.69
C ILE A 210 21.17 0.53 6.55
N ILE A 211 20.75 0.23 7.78
CA ILE A 211 20.36 1.24 8.76
C ILE A 211 21.55 1.54 9.65
N ASP A 212 21.91 2.81 9.76
CA ASP A 212 23.03 3.23 10.59
C ASP A 212 22.90 2.63 12.00
N MET A 213 24.03 2.12 12.52
CA MET A 213 24.07 1.46 13.82
C MET A 213 23.45 2.30 14.93
N LYS A 214 23.96 3.51 15.11
CA LYS A 214 23.40 4.37 16.15
C LYS A 214 21.90 4.58 15.95
N THR A 215 21.47 4.69 14.69
CA THR A 215 20.05 4.89 14.39
C THR A 215 19.24 3.66 14.78
N LEU A 216 19.71 2.48 14.40
CA LEU A 216 19.01 1.23 14.69
C LEU A 216 18.92 0.97 16.20
N LEU A 217 20.02 1.17 16.92
CA LEU A 217 20.00 1.00 18.38
C LEU A 217 19.01 1.97 19.02
N SER A 218 18.88 3.18 18.46
CA SER A 218 17.89 4.13 18.92
C SER A 218 16.47 3.63 18.64
N ILE A 219 16.24 3.01 17.48
CA ILE A 219 14.92 2.43 17.21
C ILE A 219 14.59 1.37 18.23
N ARG A 220 15.57 0.51 18.56
CA ARG A 220 15.34 -0.52 19.56
C ARG A 220 14.94 0.10 20.89
N ARG A 221 15.63 1.16 21.31
CA ARG A 221 15.30 1.80 22.58
C ARG A 221 13.93 2.46 22.56
N HIS A 222 13.44 2.89 21.39
CA HIS A 222 12.21 3.67 21.30
C HIS A 222 11.07 2.91 20.66
N ALA A 223 11.26 1.62 20.35
CA ALA A 223 10.24 0.86 19.61
C ALA A 223 8.86 0.92 20.27
N ARG A 224 8.81 0.98 21.61
N ARG A 224 8.81 1.00 21.60
CA ARG A 224 7.52 1.06 22.31
CA ARG A 224 7.52 1.05 22.30
C ARG A 224 6.67 2.22 21.79
C ARG A 224 6.68 2.22 21.83
N LEU A 225 7.30 3.33 21.42
CA LEU A 225 6.55 4.49 20.96
C LEU A 225 5.72 4.22 19.71
N ILE A 226 5.96 3.12 19.00
CA ILE A 226 5.18 2.82 17.80
C ILE A 226 3.69 2.68 18.13
N ARG A 227 3.36 2.39 19.40
CA ARG A 227 1.96 2.20 19.79
C ARG A 227 1.12 3.45 19.60
N PHE A 228 1.74 4.63 19.52
CA PHE A 228 0.98 5.86 19.38
C PHE A 228 0.60 6.18 17.93
N ILE A 229 0.98 5.36 16.98
CA ILE A 229 0.84 5.69 15.56
C ILE A 229 -0.46 5.08 15.07
N ALA A 230 -1.22 5.86 14.30
CA ALA A 230 -2.46 5.34 13.72
C ALA A 230 -2.16 4.10 12.89
N VAL A 231 -2.93 3.04 13.09
CA VAL A 231 -2.67 1.78 12.36
C VAL A 231 -2.74 1.97 10.85
N GLU A 232 -3.34 3.05 10.37
CA GLU A 232 -3.45 3.30 8.92
C GLU A 232 -2.07 3.69 8.36
N ARG A 233 -1.32 4.50 9.09
CA ARG A 233 0.04 4.82 8.68
C ARG A 233 0.96 3.62 8.79
N LEU A 234 0.78 2.81 9.85
CA LEU A 234 1.54 1.57 9.96
C LEU A 234 1.28 0.66 8.76
N LYS A 235 -0.01 0.49 8.40
CA LYS A 235 -0.35 -0.40 7.30
C LYS A 235 0.21 0.11 5.99
N SER A 236 0.21 1.43 5.79
CA SER A 236 0.73 1.99 4.57
C SER A 236 2.23 1.71 4.42
N GLU A 237 2.99 1.79 5.52
CA GLU A 237 4.41 1.48 5.45
C GLU A 237 4.64 -0.02 5.20
N ILE A 238 3.87 -0.87 5.87
CA ILE A 238 4.02 -2.32 5.70
C ILE A 238 3.63 -2.74 4.28
N ASP A 239 2.57 -2.14 3.72
CA ASP A 239 2.21 -2.41 2.32
C ASP A 239 3.38 -2.08 1.38
N LYS A 240 4.08 -0.98 1.63
CA LYS A 240 5.24 -0.66 0.80
C LYS A 240 6.32 -1.73 0.92
N ILE A 241 6.68 -2.10 2.16
CA ILE A 241 7.69 -3.14 2.35
C ILE A 241 7.33 -4.40 1.57
N PHE A 242 6.05 -4.80 1.59
CA PHE A 242 5.62 -6.05 1.00
C PHE A 242 5.82 -6.09 -0.51
N VAL A 243 5.81 -4.94 -1.18
CA VAL A 243 5.98 -4.89 -2.62
C VAL A 243 7.34 -4.34 -3.03
N ASN A 244 8.21 -4.09 -2.10
CA ASN A 244 9.49 -3.49 -2.43
C ASN A 244 10.57 -4.56 -2.58
N PRO A 245 11.67 -4.24 -3.26
CA PRO A 245 12.78 -5.18 -3.34
C PRO A 245 13.43 -5.41 -1.98
N SER A 246 14.19 -6.50 -1.89
CA SER A 246 14.95 -6.82 -0.68
C SER A 246 14.06 -6.83 0.54
N MET A 247 12.84 -7.36 0.40
CA MET A 247 11.91 -7.25 1.52
C MET A 247 12.33 -8.16 2.67
N GLN A 248 13.10 -9.21 2.38
CA GLN A 248 13.60 -10.09 3.43
C GLN A 248 14.54 -9.34 4.36
N LYS A 249 15.34 -8.43 3.80
CA LYS A 249 16.16 -7.53 4.60
C LYS A 249 15.28 -6.65 5.49
N SER A 250 14.24 -6.06 4.90
CA SER A 250 13.30 -5.24 5.65
C SER A 250 12.68 -6.04 6.80
N MET A 251 12.31 -7.28 6.55
CA MET A 251 11.62 -8.06 7.58
C MET A 251 12.56 -8.46 8.70
N ALA A 252 13.83 -8.72 8.37
CA ALA A 252 14.82 -8.99 9.41
C ALA A 252 15.03 -7.75 10.27
N TYR A 253 15.16 -6.58 9.64
CA TYR A 253 15.29 -5.35 10.41
C TYR A 253 14.06 -5.10 11.28
N LEU A 254 12.86 -5.46 10.77
CA LEU A 254 11.65 -5.28 11.56
C LEU A 254 11.75 -6.02 12.89
N LYS A 255 12.25 -7.25 12.86
CA LYS A 255 12.46 -8.02 14.08
C LYS A 255 13.65 -7.47 14.86
N ASP A 256 14.79 -7.25 14.18
CA ASP A 256 16.00 -6.77 14.85
C ASP A 256 15.80 -5.42 15.54
N SER A 257 14.95 -4.57 14.97
CA SER A 257 14.72 -3.25 15.54
C SER A 257 13.81 -3.28 16.76
N VAL A 258 13.25 -4.45 17.11
CA VAL A 258 12.30 -4.64 18.22
C VAL A 258 10.91 -4.14 17.84
N LEU A 259 10.73 -3.67 16.60
CA LEU A 259 9.40 -3.21 16.20
C LEU A 259 8.37 -4.34 16.23
N THR A 260 8.76 -5.56 15.84
CA THR A 260 7.79 -6.67 15.87
C THR A 260 7.32 -6.99 17.29
N ARG A 261 8.06 -6.57 18.32
CA ARG A 261 7.62 -6.76 19.69
C ARG A 261 6.39 -5.91 19.99
N PHE A 262 6.29 -4.72 19.40
CA PHE A 262 5.27 -3.75 19.79
C PHE A 262 4.28 -3.37 18.70
N LEU A 263 4.58 -3.65 17.43
CA LEU A 263 3.58 -3.48 16.39
C LEU A 263 2.33 -4.27 16.74
N PRO A 264 1.15 -3.80 16.35
CA PRO A 264 -0.07 -4.65 16.45
C PRO A 264 0.18 -6.02 15.85
N VAL A 265 -0.17 -7.04 16.63
CA VAL A 265 0.13 -8.46 16.39
C VAL A 265 1.51 -8.61 15.72
N GLY A 266 2.51 -7.91 16.28
CA GLY A 266 3.79 -7.79 15.61
C GLY A 266 4.53 -9.09 15.46
N GLY A 267 4.35 -10.02 16.40
CA GLY A 267 5.06 -11.29 16.30
C GLY A 267 4.68 -12.09 15.06
N LEU A 268 3.52 -11.82 14.47
CA LEU A 268 3.07 -12.54 13.29
C LEU A 268 3.94 -12.25 12.07
N PHE A 269 4.63 -11.11 12.06
CA PHE A 269 5.53 -10.80 10.94
C PHE A 269 6.81 -11.65 10.96
N GLU A 270 7.08 -12.39 12.05
CA GLU A 270 8.30 -13.19 12.13
C GLU A 270 8.04 -14.59 11.57
N VAL A 271 7.77 -14.62 10.27
CA VAL A 271 7.68 -15.88 9.54
C VAL A 271 8.92 -15.98 8.67
N ASP A 272 9.06 -17.13 8.03
CA ASP A 272 10.12 -17.31 7.05
C ASP A 272 9.66 -16.65 5.75
N TRP A 273 10.34 -15.59 5.34
CA TRP A 273 10.00 -14.85 4.14
C TRP A 273 10.77 -15.32 2.90
N ILE A 274 11.54 -16.41 3.00
CA ILE A 274 12.39 -16.85 1.88
C ILE A 274 11.57 -17.15 0.63
N THR A 275 10.46 -17.85 0.78
CA THR A 275 9.60 -18.25 -0.34
C THR A 275 8.76 -17.10 -0.90
N TYR A 276 8.79 -15.92 -0.27
CA TYR A 276 7.91 -14.82 -0.64
C TYR A 276 8.47 -14.08 -1.85
N HIS A 277 7.66 -13.96 -2.89
CA HIS A 277 7.97 -13.13 -4.06
C HIS A 277 6.74 -12.30 -4.36
N THR A 278 6.89 -10.99 -4.29
CA THR A 278 5.73 -10.13 -4.45
C THR A 278 5.13 -10.30 -5.83
N ASP A 279 3.81 -10.14 -5.92
CA ASP A 279 3.14 -10.02 -7.20
C ASP A 279 2.75 -8.58 -7.51
N GLY A 280 3.32 -7.61 -6.78
CA GLY A 280 2.98 -6.22 -6.93
C GLY A 280 1.78 -5.75 -6.12
N ASN A 281 1.06 -6.67 -5.46
CA ASN A 281 -0.10 -6.37 -4.64
C ASN A 281 0.27 -6.55 -3.17
N PRO A 282 0.23 -5.50 -2.33
CA PRO A 282 0.55 -5.70 -0.89
C PRO A 282 -0.29 -6.78 -0.23
N THR A 283 -1.51 -7.01 -0.70
CA THR A 283 -2.39 -7.99 -0.09
C THR A 283 -1.77 -9.38 -0.05
N TYR A 284 -0.93 -9.69 -1.04
CA TYR A 284 -0.30 -11.00 -1.07
C TYR A 284 0.70 -11.19 0.07
N GLY A 285 1.31 -10.11 0.58
CA GLY A 285 2.13 -10.25 1.76
C GLY A 285 1.34 -10.64 3.00
N TRP A 286 0.18 -10.04 3.18
CA TRP A 286 -0.67 -10.39 4.32
C TRP A 286 -1.17 -11.82 4.20
N LEU A 287 -1.55 -12.24 2.98
CA LEU A 287 -1.97 -13.62 2.77
C LEU A 287 -0.83 -14.59 3.04
N TYR A 288 0.37 -14.26 2.54
CA TYR A 288 1.54 -15.12 2.77
C TYR A 288 1.83 -15.24 4.26
N LEU A 289 1.75 -14.12 4.97
CA LEU A 289 1.91 -14.08 6.42
C LEU A 289 0.96 -15.03 7.14
N LEU A 290 -0.33 -14.97 6.82
CA LEU A 290 -1.31 -15.84 7.48
C LEU A 290 -1.12 -17.30 7.09
N HIS A 291 -0.92 -17.56 5.79
CA HIS A 291 -0.80 -18.93 5.31
C HIS A 291 0.36 -19.67 5.96
N GLN A 292 1.50 -19.00 6.12
CA GLN A 292 2.67 -19.63 6.72
C GLN A 292 2.42 -20.08 8.15
N GLN A 293 1.58 -19.36 8.87
CA GLN A 293 1.33 -19.61 10.27
C GLN A 293 0.05 -20.39 10.51
N LYS A 294 -0.67 -20.77 9.45
CA LYS A 294 -2.01 -21.36 9.55
C LYS A 294 -2.94 -20.50 10.42
N ARG A 295 -2.91 -19.19 10.21
CA ARG A 295 -3.75 -18.25 10.93
C ARG A 295 -4.81 -17.69 10.00
N GLN A 296 -5.81 -17.07 10.59
CA GLN A 296 -6.97 -16.54 9.88
C GLN A 296 -6.94 -15.02 9.87
N PHE A 297 -7.80 -14.44 9.02
CA PHE A 297 -7.79 -12.99 8.82
C PHE A 297 -8.08 -12.24 10.12
N THR A 298 -8.90 -12.79 11.00
CA THR A 298 -9.23 -12.09 12.23
C THR A 298 -7.97 -11.73 13.03
N ASP A 299 -6.91 -12.53 12.90
CA ASP A 299 -5.66 -12.26 13.61
C ASP A 299 -4.97 -10.97 13.17
N ILE A 300 -5.23 -10.46 11.95
CA ILE A 300 -4.62 -9.21 11.51
C ILE A 300 -5.64 -8.07 11.37
N LYS A 301 -6.85 -8.24 11.91
CA LYS A 301 -7.91 -7.29 11.59
C LYS A 301 -7.68 -5.91 12.21
N ASP A 302 -6.77 -5.79 13.18
CA ASP A 302 -6.40 -4.50 13.75
C ASP A 302 -5.89 -3.50 12.72
N TYR A 303 -5.37 -3.95 11.57
CA TYR A 303 -4.82 -3.03 10.58
C TYR A 303 -5.87 -2.35 9.73
N ARG A 304 -7.17 -2.65 9.93
CA ARG A 304 -8.28 -1.93 9.31
C ARG A 304 -8.25 -2.06 7.79
N PHE A 305 -8.41 -3.30 7.34
CA PHE A 305 -8.49 -3.57 5.92
C PHE A 305 -9.83 -3.09 5.36
N SER A 306 -9.79 -2.61 4.13
CA SER A 306 -11.00 -2.41 3.36
C SER A 306 -11.79 -3.71 3.25
N ASN A 307 -13.10 -3.59 3.01
CA ASN A 307 -13.91 -4.79 2.83
C ASN A 307 -13.45 -5.61 1.63
N GLU A 308 -12.95 -4.93 0.61
CA GLU A 308 -12.42 -5.63 -0.56
C GLU A 308 -11.15 -6.39 -0.24
N GLU A 309 -10.17 -5.76 0.44
CA GLU A 309 -8.95 -6.49 0.77
CA GLU A 309 -8.94 -6.48 0.78
C GLU A 309 -9.24 -7.63 1.73
N LYS A 310 -10.13 -7.41 2.71
CA LYS A 310 -10.47 -8.48 3.64
C LYS A 310 -11.06 -9.67 2.90
N ARG A 311 -11.93 -9.42 1.93
CA ARG A 311 -12.56 -10.51 1.19
C ARG A 311 -11.53 -11.28 0.37
N LEU A 312 -10.64 -10.56 -0.32
CA LEU A 312 -9.59 -11.22 -1.11
C LEU A 312 -8.74 -12.14 -0.23
N ILE A 313 -8.35 -11.68 0.95
CA ILE A 313 -7.56 -12.51 1.86
C ILE A 313 -8.35 -13.73 2.33
N GLU A 314 -9.52 -13.56 2.85
CA GLU A 314 -10.30 -14.69 3.41
C GLU A 314 -10.66 -15.71 2.34
N LYS A 315 -11.14 -15.21 1.17
CA LYS A 315 -11.53 -16.17 0.15
C LYS A 315 -10.32 -16.93 -0.38
N SER A 316 -9.18 -16.25 -0.47
CA SER A 316 -7.94 -16.95 -0.85
C SER A 316 -7.54 -17.98 0.20
N LEU A 317 -7.63 -17.63 1.49
CA LEU A 317 -7.31 -18.61 2.53
C LEU A 317 -8.23 -19.82 2.45
N GLU A 318 -9.55 -19.59 2.28
CA GLU A 318 -10.49 -20.70 2.09
C GLU A 318 -10.02 -21.62 0.98
N LEU A 319 -9.54 -21.04 -0.12
CA LEU A 319 -9.10 -21.86 -1.25
C LEU A 319 -7.91 -22.73 -0.88
N THR A 320 -6.97 -22.19 -0.08
CA THR A 320 -5.80 -22.96 0.31
C THR A 320 -6.17 -24.13 1.23
N ALA A 321 -7.32 -24.05 1.91
CA ALA A 321 -7.78 -25.13 2.75
C ALA A 321 -8.63 -26.16 2.01
N LEU A 322 -9.05 -25.87 0.78
CA LEU A 322 -9.79 -26.83 -0.04
C LEU A 322 -8.84 -27.87 -0.62
N ASN A 323 -9.19 -29.15 -0.46
CA ASN A 323 -8.27 -30.17 -0.97
C ASN A 323 -8.34 -30.26 -2.50
N THR A 324 -9.54 -30.20 -3.06
CA THR A 324 -9.70 -30.32 -4.51
C THR A 324 -10.56 -29.17 -5.02
N TRP A 325 -10.10 -28.58 -6.13
CA TRP A 325 -10.84 -27.55 -6.83
C TRP A 325 -11.49 -28.18 -8.05
N ASP A 326 -12.80 -27.96 -8.22
CA ASP A 326 -13.48 -28.43 -9.43
C ASP A 326 -14.16 -27.27 -10.11
N GLN A 327 -15.11 -27.56 -11.00
CA GLN A 327 -15.77 -26.50 -11.76
C GLN A 327 -16.53 -25.54 -10.85
N TRP A 328 -17.16 -26.07 -9.80
CA TRP A 328 -17.84 -25.21 -8.84
C TRP A 328 -16.88 -24.24 -8.19
N THR A 329 -15.69 -24.73 -7.82
CA THR A 329 -14.67 -23.86 -7.21
C THR A 329 -14.31 -22.70 -8.13
N PHE A 330 -14.07 -22.99 -9.42
CA PHE A 330 -13.64 -21.94 -10.34
C PHE A 330 -14.80 -21.02 -10.68
N TYR A 331 -16.02 -21.53 -10.60
CA TYR A 331 -17.20 -20.73 -10.87
C TYR A 331 -17.42 -19.70 -9.75
N LYS A 332 -17.36 -20.16 -8.49
CA LYS A 332 -17.82 -19.35 -7.37
C LYS A 332 -16.75 -18.37 -6.89
N TYR A 333 -15.47 -18.72 -6.99
CA TYR A 333 -14.39 -17.83 -6.58
C TYR A 333 -13.95 -16.95 -7.74
N THR A 334 -13.44 -15.76 -7.41
CA THR A 334 -12.89 -14.89 -8.45
C THR A 334 -11.53 -15.40 -8.91
N LEU A 335 -11.15 -14.97 -10.12
CA LEU A 335 -9.83 -15.35 -10.65
C LEU A 335 -8.70 -14.80 -9.80
N LYS A 336 -8.85 -13.57 -9.30
CA LYS A 336 -7.83 -13.01 -8.41
C LYS A 336 -7.67 -13.86 -7.16
N GLN A 337 -8.77 -14.39 -6.62
CA GLN A 337 -8.67 -15.24 -5.45
C GLN A 337 -8.00 -16.58 -5.80
N LEU A 338 -8.38 -17.17 -6.93
CA LEU A 338 -7.76 -18.42 -7.36
C LEU A 338 -6.27 -18.22 -7.62
N GLU A 339 -5.91 -17.08 -8.22
CA GLU A 339 -4.52 -16.81 -8.51
C GLU A 339 -3.70 -16.64 -7.22
N MET A 340 -4.22 -15.90 -6.22
CA MET A 340 -3.46 -15.69 -4.99
C MET A 340 -3.33 -16.97 -4.18
N ALA A 341 -4.42 -17.76 -4.15
CA ALA A 341 -4.34 -19.06 -3.47
C ALA A 341 -3.31 -19.98 -4.14
N SER A 342 -3.28 -20.01 -5.48
CA SER A 342 -2.27 -20.82 -6.18
C SER A 342 -0.86 -20.34 -5.88
N ARG A 343 -0.69 -19.02 -5.75
CA ARG A 343 0.66 -18.49 -5.52
C ARG A 343 1.19 -18.85 -4.15
N VAL A 344 0.38 -18.79 -3.08
CA VAL A 344 0.91 -19.19 -1.77
C VAL A 344 1.14 -20.69 -1.68
N THR A 345 0.40 -21.49 -2.42
CA THR A 345 0.59 -22.93 -2.36
C THR A 345 1.54 -23.46 -3.44
N GLY A 346 2.15 -22.57 -4.23
CA GLY A 346 3.16 -22.98 -5.20
C GLY A 346 2.66 -23.60 -6.49
N LYS A 347 1.35 -23.73 -6.69
CA LYS A 347 0.86 -24.30 -7.94
C LYS A 347 1.03 -23.32 -9.10
N LYS A 348 1.10 -23.87 -10.31
CA LYS A 348 1.26 -23.07 -11.53
C LYS A 348 0.32 -23.63 -12.59
N LYS A 349 -0.98 -23.60 -12.32
CA LYS A 349 -1.95 -24.05 -13.30
C LYS A 349 -2.36 -22.84 -14.15
N ASP A 350 -3.10 -23.10 -15.23
CA ASP A 350 -3.62 -22.05 -16.11
C ASP A 350 -5.05 -21.72 -15.67
N LEU A 351 -5.13 -20.94 -14.58
CA LEU A 351 -6.41 -20.72 -13.93
C LEU A 351 -7.39 -20.02 -14.84
N ALA A 352 -6.93 -18.99 -15.56
CA ALA A 352 -7.82 -18.20 -16.40
C ALA A 352 -8.51 -19.06 -17.44
N ALA A 353 -7.81 -20.07 -17.97
CA ALA A 353 -8.40 -20.91 -19.01
C ALA A 353 -9.48 -21.83 -18.43
N ILE A 354 -9.25 -22.39 -17.23
CA ILE A 354 -10.26 -23.25 -16.63
C ILE A 354 -11.53 -22.44 -16.36
N LYS A 355 -11.38 -21.24 -15.79
CA LYS A 355 -12.55 -20.41 -15.53
C LYS A 355 -13.25 -20.02 -16.82
N ARG A 356 -12.47 -19.66 -17.85
CA ARG A 356 -13.05 -19.20 -19.12
C ARG A 356 -13.90 -20.29 -19.78
N GLN A 357 -13.55 -21.56 -19.58
CA GLN A 357 -14.20 -22.65 -20.29
C GLN A 357 -15.39 -23.25 -19.53
N LEU A 358 -15.82 -22.64 -18.43
CA LEU A 358 -17.00 -23.13 -17.75
C LEU A 358 -18.24 -22.86 -18.61
N PRO A 359 -19.30 -23.63 -18.42
CA PRO A 359 -20.52 -23.39 -19.22
C PRO A 359 -21.08 -21.98 -19.09
N ILE A 360 -20.99 -21.38 -17.90
CA ILE A 360 -21.44 -20.01 -17.66
C ILE A 360 -20.44 -19.36 -16.73
N GLN A 361 -20.47 -18.03 -16.67
CA GLN A 361 -19.55 -17.29 -15.80
C GLN A 361 -20.18 -16.84 -14.49
N SER A 362 -21.50 -16.61 -14.45
CA SER A 362 -22.11 -16.12 -13.22
C SER A 362 -23.63 -16.32 -13.27
N ARG A 363 -24.24 -16.10 -12.11
CA ARG A 363 -25.69 -16.26 -11.93
C ARG A 363 -26.49 -15.45 -12.94
N SER A 364 -25.93 -14.30 -13.39
CA SER A 364 -26.59 -13.45 -14.40
C SER A 364 -27.00 -14.25 -15.62
N GLU A 365 -26.25 -15.29 -15.99
CA GLU A 365 -26.53 -16.03 -17.21
C GLU A 365 -27.48 -17.20 -17.01
N LEU A 366 -27.88 -17.50 -15.77
CA LEU A 366 -28.78 -18.61 -15.53
C LEU A 366 -30.11 -18.37 -16.24
N ALA A 367 -30.65 -19.43 -16.84
CA ALA A 367 -31.83 -19.34 -17.67
C ALA A 367 -33.14 -19.48 -16.88
N VAL A 368 -33.08 -19.54 -15.56
CA VAL A 368 -34.27 -19.59 -14.72
C VAL A 368 -34.03 -18.74 -13.48
N ASP A 369 -35.11 -18.29 -12.86
CA ASP A 369 -35.01 -17.56 -11.61
C ASP A 369 -36.11 -18.08 -10.69
N GLY A 370 -36.13 -17.58 -9.46
CA GLY A 370 -37.07 -18.10 -8.47
C GLY A 370 -38.52 -17.99 -8.90
N TRP A 371 -38.84 -17.02 -9.76
CA TRP A 371 -40.22 -16.87 -10.19
C TRP A 371 -40.64 -17.97 -11.15
N ASP A 372 -39.72 -18.47 -11.97
CA ASP A 372 -40.00 -19.69 -12.74
C ASP A 372 -40.34 -20.84 -11.82
N LEU A 373 -39.59 -20.99 -10.74
CA LEU A 373 -39.82 -22.12 -9.84
C LEU A 373 -41.16 -21.98 -9.13
N ILE A 374 -41.55 -20.75 -8.79
CA ILE A 374 -42.87 -20.51 -8.19
C ILE A 374 -43.98 -20.95 -9.13
N GLU A 375 -43.89 -20.54 -10.40
CA GLU A 375 -44.86 -20.98 -11.42
C GLU A 375 -44.94 -22.50 -11.47
N TRP A 376 -43.80 -23.17 -11.70
CA TRP A 376 -43.77 -24.61 -11.94
C TRP A 376 -44.18 -25.40 -10.70
N SER A 377 -43.76 -24.97 -9.53
CA SER A 377 -44.08 -25.72 -8.32
C SER A 377 -45.48 -25.43 -7.79
N GLY A 378 -46.04 -24.26 -8.10
CA GLY A 378 -47.28 -23.86 -7.44
C GLY A 378 -47.15 -23.58 -5.95
N ALA A 379 -45.94 -23.51 -5.41
CA ALA A 379 -45.70 -23.14 -4.02
C ALA A 379 -45.38 -21.64 -3.90
N LYS A 380 -45.65 -21.09 -2.71
CA LYS A 380 -45.39 -19.69 -2.45
C LYS A 380 -43.90 -19.40 -2.34
N SER A 381 -43.51 -18.17 -2.72
CA SER A 381 -42.11 -17.76 -2.58
C SER A 381 -41.63 -17.96 -1.15
N GLY A 382 -40.38 -18.40 -1.02
CA GLY A 382 -39.79 -18.65 0.28
C GLY A 382 -38.30 -18.93 0.17
N PRO A 383 -37.63 -19.16 1.30
CA PRO A 383 -36.20 -19.51 1.26
C PRO A 383 -35.89 -20.78 0.45
N TRP A 384 -36.86 -21.69 0.26
CA TRP A 384 -36.59 -22.89 -0.51
C TRP A 384 -36.09 -22.58 -1.91
N LEU A 385 -36.45 -21.41 -2.45
CA LEU A 385 -36.05 -21.06 -3.81
C LEU A 385 -34.54 -21.01 -3.96
N LYS A 386 -33.82 -20.53 -2.94
CA LYS A 386 -32.37 -20.44 -3.05
C LYS A 386 -31.74 -21.82 -3.12
N VAL A 387 -32.27 -22.76 -2.32
CA VAL A 387 -31.78 -24.14 -2.33
C VAL A 387 -31.90 -24.73 -3.72
N TRP A 388 -33.06 -24.53 -4.36
CA TRP A 388 -33.33 -25.18 -5.63
C TRP A 388 -32.68 -24.45 -6.79
N ILE A 389 -32.57 -23.12 -6.74
CA ILE A 389 -31.81 -22.42 -7.78
C ILE A 389 -30.36 -22.88 -7.76
N GLU A 390 -29.79 -23.12 -6.57
CA GLU A 390 -28.40 -23.54 -6.51
C GLU A 390 -28.22 -24.97 -7.03
N LYS A 391 -29.15 -25.87 -6.71
CA LYS A 391 -29.13 -27.20 -7.32
C LYS A 391 -29.05 -27.08 -8.84
N ILE A 392 -29.92 -26.26 -9.43
CA ILE A 392 -29.94 -26.11 -10.88
C ILE A 392 -28.65 -25.47 -11.36
N GLU A 393 -28.16 -24.48 -10.62
CA GLU A 393 -26.93 -23.80 -11.02
C GLU A 393 -25.74 -24.76 -11.05
N ARG A 394 -25.66 -25.66 -10.07
CA ARG A 394 -24.58 -26.62 -10.04
C ARG A 394 -24.63 -27.54 -11.24
N LEU A 395 -25.84 -28.04 -11.56
CA LEU A 395 -26.00 -28.95 -12.69
C LEU A 395 -25.62 -28.29 -14.00
N ILE A 396 -25.74 -26.96 -14.07
CA ILE A 396 -25.40 -26.25 -15.28
C ILE A 396 -23.91 -25.98 -15.34
N VAL A 397 -23.32 -25.64 -14.19
CA VAL A 397 -21.89 -25.34 -14.15
C VAL A 397 -21.08 -26.61 -14.41
N TYR A 398 -21.55 -27.75 -13.93
CA TYR A 398 -20.92 -29.02 -14.25
C TYR A 398 -21.29 -29.54 -15.64
N GLY A 399 -22.05 -28.79 -16.43
CA GLY A 399 -22.33 -29.20 -17.79
C GLY A 399 -23.22 -30.42 -17.92
N ILE A 400 -23.96 -30.75 -16.87
CA ILE A 400 -24.91 -31.86 -16.90
C ILE A 400 -26.26 -31.42 -17.46
N LEU A 401 -26.79 -30.32 -16.96
CA LEU A 401 -28.06 -29.76 -17.40
C LEU A 401 -27.80 -28.60 -18.35
N LYS A 402 -28.51 -28.56 -19.48
CA LYS A 402 -28.37 -27.45 -20.41
C LYS A 402 -28.98 -26.17 -19.83
N ASN A 403 -28.34 -25.03 -20.08
CA ASN A 403 -28.81 -23.75 -19.56
C ASN A 403 -29.95 -23.22 -20.45
N ASP A 404 -31.10 -23.88 -20.34
CA ASP A 404 -32.23 -23.61 -21.20
C ASP A 404 -33.52 -23.78 -20.40
N LYS A 405 -34.38 -22.76 -20.42
CA LYS A 405 -35.53 -22.72 -19.51
C LYS A 405 -36.39 -23.99 -19.64
N GLU A 406 -36.70 -24.38 -20.89
CA GLU A 406 -37.61 -25.51 -21.08
C GLU A 406 -36.99 -26.81 -20.58
N LEU A 407 -35.67 -26.98 -20.78
CA LEU A 407 -35.00 -28.19 -20.29
C LEU A 407 -34.86 -28.15 -18.76
N ILE A 408 -34.62 -26.98 -18.18
CA ILE A 408 -34.61 -26.89 -16.71
C ILE A 408 -36.00 -27.18 -16.15
N LYS A 409 -37.05 -26.65 -16.81
CA LYS A 409 -38.42 -26.98 -16.43
C LYS A 409 -38.64 -28.49 -16.38
N ASP A 410 -38.24 -29.19 -17.46
CA ASP A 410 -38.39 -30.65 -17.51
C ASP A 410 -37.68 -31.32 -16.34
N TRP A 411 -36.44 -30.89 -16.05
CA TRP A 411 -35.71 -31.45 -14.91
C TRP A 411 -36.42 -31.12 -13.59
N PHE A 412 -36.83 -29.86 -13.41
CA PHE A 412 -37.43 -29.47 -12.13
C PHE A 412 -38.73 -30.21 -11.87
N GLU A 413 -39.58 -30.32 -12.89
CA GLU A 413 -40.88 -30.98 -12.68
C GLU A 413 -40.70 -32.44 -12.29
N ASP A 414 -39.60 -33.06 -12.74
CA ASP A 414 -39.29 -34.42 -12.33
C ASP A 414 -38.76 -34.50 -10.90
N GLU A 415 -37.82 -33.63 -10.53
CA GLU A 415 -37.18 -33.75 -9.21
C GLU A 415 -38.05 -33.24 -8.07
N TYR A 416 -38.78 -32.15 -8.29
CA TYR A 416 -39.59 -31.53 -7.19
C TYR A 416 -40.79 -32.42 -6.89
N HIS A 417 -41.53 -32.79 -7.93
CA HIS A 417 -42.74 -33.64 -7.79
C HIS A 417 -42.34 -35.12 -7.91
P PO4 B . 7.61 13.38 8.98
O1 PO4 B . 8.78 12.41 8.98
O2 PO4 B . 6.96 13.41 10.35
O3 PO4 B . 6.60 12.95 7.94
O4 PO4 B . 8.11 14.79 8.67
P PO4 C . -16.21 -14.69 -3.94
O1 PO4 C . -15.21 -15.69 -3.42
O2 PO4 C . -15.72 -13.26 -3.69
O3 PO4 C . -16.37 -14.89 -5.43
O4 PO4 C . -17.50 -14.96 -3.19
C1 GOL D . -17.19 -19.23 -0.54
O1 GOL D . -17.14 -18.63 0.75
C2 GOL D . -17.90 -18.35 -1.52
O2 GOL D . -17.59 -16.98 -1.30
C3 GOL D . -17.63 -18.70 -2.97
O3 GOL D . -18.56 -18.04 -3.82
C1 GOL E . -21.82 -14.34 0.37
O1 GOL E . -22.00 -14.12 -1.03
C2 GOL E . -20.72 -13.47 0.94
O2 GOL E . -19.96 -14.18 1.92
C3 GOL E . -21.21 -12.15 1.49
O3 GOL E . -21.21 -11.13 0.49
C ACT F . 10.29 13.05 1.26
O ACT F . 11.06 12.13 1.70
OXT ACT F . 10.59 14.05 0.53
CH3 ACT F . 8.76 12.93 1.66
C ACT G . 5.25 10.03 19.26
O ACT G . 5.58 9.95 18.02
OXT ACT G . 4.09 10.14 19.76
CH3 ACT G . 6.43 9.99 20.29
C ACT H . 14.10 -14.89 18.56
O ACT H . 15.04 -15.38 17.85
OXT ACT H . 14.19 -14.04 19.50
CH3 ACT H . 12.62 -15.40 18.25
C TRS I . 9.15 8.68 -0.51
C1 TRS I . 9.75 9.30 0.74
C2 TRS I . 7.84 7.97 -0.17
C3 TRS I . 8.91 9.74 -1.57
N TRS I . 10.13 7.68 -1.04
O1 TRS I . 11.04 9.81 0.46
O2 TRS I . 7.34 8.38 1.08
O3 TRS I . 9.90 9.71 -2.60
#